data_4M0J
#
_entry.id   4M0J
#
_cell.length_a   115.600
_cell.length_b   73.980
_cell.length_c   76.210
_cell.angle_alpha   90.00
_cell.angle_beta   105.35
_cell.angle_gamma   90.00
#
_symmetry.space_group_name_H-M   'C 1 2 1'
#
loop_
_entity.id
_entity.type
_entity.pdbx_description
1 polymer 'D-amino acid aminotransferase'
2 non-polymer 'CALCIUM ION'
3 water water
#
_entity_poly.entity_id   1
_entity_poly.type   'polypeptide(L)'
_entity_poly.pdbx_seq_one_letter_code
;MAHHHHHHMSQADIEPIVYLSVASREELVPLSEARVPVLDRGFIFGDGVYEVVPIYAEGARRAPFRIAQHLARLARSLKK
IGIADPHDEAGWRALVARLVDANAAALGDGQHAIVYIQVTRGVAKRGHAFPANAVPTVFAMASPLALPTDAQRAQGVHCV
TAEDRRWLHCDIKSVSLLGNVLMAQHAAEHDAAETIQLRDGNVTEGSSSNVWIVKNGELIAPPRSNRILEGIRYALVEEL
AEECGIRFVAREINEAELRAADEILLTSATKEILPVTRLDDLPVQGGRPGPVFDALYAAYQRAKAHEMESV
;
_entity_poly.pdbx_strand_id   A,B
#
loop_
_chem_comp.id
_chem_comp.type
_chem_comp.name
_chem_comp.formula
CA non-polymer 'CALCIUM ION' 'Ca 2'
#
# COMPACT_ATOMS: atom_id res chain seq x y z
N ILE A 14 -23.91 10.62 -19.53
CA ILE A 14 -22.66 10.21 -20.22
C ILE A 14 -21.56 9.90 -19.19
N GLU A 15 -20.98 10.96 -18.62
CA GLU A 15 -19.81 10.88 -17.73
C GLU A 15 -20.17 10.59 -16.26
N PRO A 16 -19.45 9.66 -15.63
CA PRO A 16 -19.75 9.31 -14.24
C PRO A 16 -19.67 10.50 -13.29
N ILE A 17 -20.59 10.54 -12.33
CA ILE A 17 -20.60 11.58 -11.29
C ILE A 17 -20.12 10.90 -9.99
N VAL A 18 -19.24 11.56 -9.26
CA VAL A 18 -18.62 10.95 -8.09
C VAL A 18 -18.72 11.84 -6.88
N TYR A 19 -18.68 11.20 -5.71
CA TYR A 19 -18.68 11.85 -4.39
C TYR A 19 -17.24 11.98 -3.89
N LEU A 20 -16.88 13.17 -3.39
CA LEU A 20 -15.57 13.40 -2.80
C LEU A 20 -15.71 14.28 -1.58
N SER A 21 -15.15 13.84 -0.46
CA SER A 21 -15.15 14.66 0.76
C SER A 21 -13.71 14.83 1.21
N VAL A 22 -13.22 16.05 1.22
CA VAL A 22 -11.84 16.39 1.63
C VAL A 22 -11.92 17.53 2.62
N ALA A 23 -11.17 17.43 3.73
CA ALA A 23 -11.17 18.47 4.77
C ALA A 23 -12.58 18.96 5.15
N SER A 24 -13.50 18.02 5.33
CA SER A 24 -14.90 18.30 5.72
C SER A 24 -15.79 19.01 4.70
N ARG A 25 -15.26 19.31 3.51
CA ARG A 25 -16.04 19.82 2.40
C ARG A 25 -16.40 18.66 1.48
N GLU A 26 -17.69 18.49 1.17
CA GLU A 26 -18.16 17.41 0.30
C GLU A 26 -18.80 17.87 -1.03
N GLU A 27 -18.68 17.07 -2.07
CA GLU A 27 -19.32 17.45 -3.34
C GLU A 27 -19.71 16.19 -4.13
N LEU A 28 -20.72 16.32 -5.00
CA LEU A 28 -20.95 15.40 -6.10
C LEU A 28 -20.55 16.15 -7.36
N VAL A 29 -19.51 15.68 -8.05
CA VAL A 29 -19.02 16.33 -9.25
C VAL A 29 -18.73 15.29 -10.35
N PRO A 30 -18.68 15.76 -11.61
CA PRO A 30 -18.32 14.87 -12.68
C PRO A 30 -16.89 14.31 -12.43
N LEU A 31 -16.68 13.04 -12.74
CA LEU A 31 -15.36 12.37 -12.56
C LEU A 31 -14.18 13.24 -12.96
N SER A 32 -14.26 13.87 -14.13
CA SER A 32 -13.19 14.74 -14.62
C SER A 32 -12.94 16.00 -13.77
N GLU A 33 -13.83 16.32 -12.83
CA GLU A 33 -13.62 17.47 -11.92
C GLU A 33 -13.14 17.04 -10.50
N ALA A 34 -13.02 15.74 -10.24
CA ALA A 34 -12.65 15.23 -8.90
C ALA A 34 -11.13 15.11 -8.73
N ARG A 35 -10.60 15.88 -7.79
CA ARG A 35 -9.16 15.94 -7.56
C ARG A 35 -8.95 15.94 -6.07
N VAL A 36 -7.86 15.32 -5.61
CA VAL A 36 -7.50 15.32 -4.18
C VAL A 36 -6.20 16.02 -3.93
N PRO A 37 -6.09 16.65 -2.77
CA PRO A 37 -4.80 17.26 -2.44
C PRO A 37 -3.65 16.26 -2.52
N VAL A 38 -2.49 16.75 -3.00
CA VAL A 38 -1.27 15.90 -3.06
C VAL A 38 -0.78 15.34 -1.76
N LEU A 39 -1.07 16.03 -0.65
CA LEU A 39 -0.67 15.47 0.67
C LEU A 39 -1.70 14.54 1.33
N ASP A 40 -2.71 14.12 0.58
CA ASP A 40 -3.61 13.11 1.07
C ASP A 40 -2.84 11.80 1.33
N ARG A 41 -3.02 11.23 2.52
CA ARG A 41 -2.29 10.04 2.93
C ARG A 41 -2.64 8.76 2.17
N GLY A 42 -3.77 8.81 1.47
CA GLY A 42 -4.08 7.83 0.47
C GLY A 42 -3.09 7.84 -0.68
N PHE A 43 -2.68 9.03 -1.12
CA PHE A 43 -1.73 9.18 -2.24
C PHE A 43 -0.25 9.02 -1.79
N ILE A 44 0.04 9.58 -0.62
CA ILE A 44 1.39 9.56 -0.04
C ILE A 44 1.82 8.21 0.63
N PHE A 45 0.88 7.52 1.29
CA PHE A 45 1.21 6.36 2.14
C PHE A 45 0.38 5.13 1.88
N GLY A 46 -0.55 5.18 0.94
CA GLY A 46 -1.55 4.11 0.78
C GLY A 46 -2.29 3.83 2.09
N ASP A 47 -2.50 4.91 2.86
CA ASP A 47 -3.07 4.83 4.21
C ASP A 47 -4.63 5.00 4.16
N GLY A 48 -5.29 3.94 3.78
CA GLY A 48 -6.76 3.96 3.69
C GLY A 48 -7.28 2.59 3.39
N VAL A 49 -8.61 2.49 3.32
CA VAL A 49 -9.28 1.24 3.17
C VAL A 49 -10.35 1.44 2.10
N TYR A 50 -10.89 0.36 1.54
CA TYR A 50 -11.91 0.45 0.55
C TYR A 50 -12.93 -0.68 0.77
N GLU A 51 -14.08 -0.53 0.14
CA GLU A 51 -15.13 -1.56 0.15
C GLU A 51 -15.99 -1.37 -1.09
N VAL A 52 -16.46 -2.45 -1.70
CA VAL A 52 -17.29 -2.31 -2.89
C VAL A 52 -18.66 -2.93 -2.62
N VAL A 53 -19.71 -2.35 -3.23
CA VAL A 53 -21.11 -2.79 -3.04
C VAL A 53 -21.74 -3.02 -4.42
N PRO A 54 -22.06 -4.29 -4.78
CA PRO A 54 -22.76 -4.45 -6.08
C PRO A 54 -24.12 -3.80 -6.05
N ILE A 55 -24.48 -3.12 -7.14
CA ILE A 55 -25.84 -2.60 -7.34
C ILE A 55 -26.49 -3.31 -8.54
N TYR A 56 -27.44 -4.19 -8.28
CA TYR A 56 -28.10 -4.92 -9.36
C TYR A 56 -29.34 -4.19 -9.89
N ALA A 57 -29.54 -4.28 -11.21
CA ALA A 57 -30.61 -3.58 -11.92
C ALA A 57 -31.62 -4.58 -12.50
N GLU A 58 -32.91 -4.36 -12.20
CA GLU A 58 -34.05 -4.99 -12.91
C GLU A 58 -34.73 -3.84 -13.65
N GLY A 59 -34.33 -3.62 -14.90
CA GLY A 59 -34.81 -2.48 -15.68
C GLY A 59 -34.30 -1.18 -15.09
N ALA A 60 -35.22 -0.28 -14.75
CA ALA A 60 -34.86 0.99 -14.09
C ALA A 60 -34.73 0.80 -12.57
N ARG A 61 -35.16 -0.36 -12.05
CA ARG A 61 -35.04 -0.72 -10.64
C ARG A 61 -33.58 -1.11 -10.28
N ARG A 62 -33.04 -0.56 -9.20
CA ARG A 62 -31.66 -0.85 -8.76
C ARG A 62 -31.66 -1.24 -7.30
N ALA A 63 -30.89 -2.26 -6.93
CA ALA A 63 -30.86 -2.70 -5.53
C ALA A 63 -29.44 -3.08 -5.11
N PRO A 64 -28.95 -2.53 -3.98
CA PRO A 64 -27.66 -2.94 -3.45
C PRO A 64 -27.73 -4.36 -2.90
N PHE A 65 -26.70 -5.13 -3.16
CA PHE A 65 -26.65 -6.52 -2.71
C PHE A 65 -25.80 -6.58 -1.44
N ARG A 66 -26.41 -7.10 -0.38
CA ARG A 66 -25.76 -7.31 0.93
C ARG A 66 -25.12 -6.06 1.47
N ILE A 67 -25.88 -4.95 1.45
CA ILE A 67 -25.36 -3.67 1.86
C ILE A 67 -24.95 -3.64 3.35
N ALA A 68 -25.71 -4.32 4.20
CA ALA A 68 -25.41 -4.32 5.61
C ALA A 68 -24.06 -5.01 5.88
N GLN A 69 -23.80 -6.09 5.19
CA GLN A 69 -22.57 -6.82 5.40
C GLN A 69 -21.34 -6.06 4.83
N HIS A 70 -21.47 -5.47 3.66
CA HIS A 70 -20.44 -4.60 3.08
C HIS A 70 -20.12 -3.42 4.01
N LEU A 71 -21.15 -2.75 4.52
CA LEU A 71 -20.93 -1.63 5.43
C LEU A 71 -20.38 -2.02 6.79
N ALA A 72 -20.73 -3.20 7.31
CA ALA A 72 -20.09 -3.71 8.54
C ALA A 72 -18.57 -3.96 8.28
N ARG A 73 -18.24 -4.47 7.10
CA ARG A 73 -16.82 -4.75 6.82
C ARG A 73 -16.05 -3.46 6.66
N LEU A 74 -16.65 -2.49 5.95
CA LEU A 74 -16.06 -1.15 5.89
C LEU A 74 -15.78 -0.59 7.28
N ALA A 75 -16.76 -0.65 8.17
CA ALA A 75 -16.55 -0.13 9.51
C ALA A 75 -15.41 -0.80 10.27
N ARG A 76 -15.32 -2.11 10.14
CA ARG A 76 -14.25 -2.91 10.76
C ARG A 76 -12.91 -2.49 10.18
N SER A 77 -12.85 -2.35 8.86
CA SER A 77 -11.57 -1.97 8.20
C SER A 77 -11.04 -0.65 8.79
N LEU A 78 -11.93 0.34 8.96
CA LEU A 78 -11.58 1.67 9.50
C LEU A 78 -11.13 1.54 10.94
N LYS A 79 -11.86 0.75 11.69
CA LYS A 79 -11.55 0.57 13.11
C LYS A 79 -10.24 -0.16 13.20
N LYS A 80 -10.03 -1.14 12.35
CA LYS A 80 -8.80 -1.90 12.41
C LYS A 80 -7.55 -1.01 12.31
N ILE A 81 -7.57 0.00 11.43
CA ILE A 81 -6.43 0.88 11.31
C ILE A 81 -6.57 2.28 11.87
N GLY A 82 -7.54 2.45 12.80
CA GLY A 82 -7.67 3.65 13.57
C GLY A 82 -8.17 4.86 12.81
N ILE A 83 -8.82 4.72 11.66
CA ILE A 83 -9.37 5.90 11.05
C ILE A 83 -10.77 6.09 11.66
N ALA A 84 -11.06 7.28 12.18
CA ALA A 84 -12.39 7.60 12.71
C ALA A 84 -13.42 7.49 11.59
N ASP A 85 -14.39 6.62 11.79
CA ASP A 85 -15.40 6.36 10.81
C ASP A 85 -16.25 7.63 10.63
N PRO A 86 -16.29 8.23 9.43
CA PRO A 86 -17.06 9.43 9.32
C PRO A 86 -18.60 9.27 9.27
N HIS A 87 -19.13 8.05 9.16
CA HIS A 87 -20.57 7.87 9.12
C HIS A 87 -20.97 6.69 9.95
N ASP A 88 -22.19 6.75 10.48
CA ASP A 88 -22.81 5.57 11.04
C ASP A 88 -23.37 4.83 9.86
N GLU A 89 -23.98 3.67 10.09
CA GLU A 89 -24.45 2.89 8.96
C GLU A 89 -25.47 3.67 8.08
N ALA A 90 -26.35 4.46 8.72
CA ALA A 90 -27.39 5.19 7.98
C ALA A 90 -26.72 6.21 7.06
N GLY A 91 -25.72 6.92 7.58
CA GLY A 91 -24.93 7.87 6.78
C GLY A 91 -24.36 7.22 5.54
N TRP A 92 -23.80 6.02 5.71
CA TRP A 92 -23.22 5.27 4.58
C TRP A 92 -24.30 4.82 3.61
N ARG A 93 -25.41 4.28 4.14
CA ARG A 93 -26.57 3.92 3.28
C ARG A 93 -27.03 5.11 2.45
N ALA A 94 -27.11 6.26 3.08
CA ALA A 94 -27.61 7.47 2.40
C ALA A 94 -26.66 7.90 1.28
N LEU A 95 -25.36 7.76 1.58
CA LEU A 95 -24.32 8.16 0.66
C LEU A 95 -24.40 7.26 -0.54
N VAL A 96 -24.59 5.96 -0.33
CA VAL A 96 -24.66 5.07 -1.46
C VAL A 96 -25.89 5.38 -2.34
N ALA A 97 -27.03 5.72 -1.71
CA ALA A 97 -28.26 6.04 -2.47
C ALA A 97 -28.09 7.32 -3.28
N ARG A 98 -27.57 8.40 -2.67
CA ARG A 98 -27.36 9.66 -3.42
C ARG A 98 -26.51 9.36 -4.67
N LEU A 99 -25.42 8.63 -4.48
CA LEU A 99 -24.52 8.37 -5.55
C LEU A 99 -25.15 7.54 -6.71
N VAL A 100 -25.80 6.45 -6.37
CA VAL A 100 -26.44 5.63 -7.38
C VAL A 100 -27.48 6.45 -8.16
N ASP A 101 -28.28 7.24 -7.44
CA ASP A 101 -29.33 8.07 -8.01
C ASP A 101 -28.71 9.08 -8.94
N ALA A 102 -27.60 9.70 -8.53
CA ALA A 102 -26.91 10.67 -9.38
C ALA A 102 -26.31 10.06 -10.66
N ASN A 103 -26.14 8.74 -10.70
CA ASN A 103 -25.61 8.09 -11.89
C ASN A 103 -26.66 7.30 -12.69
N ALA A 104 -27.93 7.38 -12.28
CA ALA A 104 -29.03 6.66 -12.95
C ALA A 104 -28.93 6.78 -14.47
N ALA A 105 -28.85 8.02 -14.93
CA ALA A 105 -28.87 8.35 -16.33
C ALA A 105 -27.62 7.89 -17.08
N ALA A 106 -26.45 8.05 -16.46
CA ALA A 106 -25.18 7.67 -17.08
C ALA A 106 -24.99 6.17 -17.10
N LEU A 107 -25.70 5.45 -16.22
CA LEU A 107 -25.68 3.99 -16.19
C LEU A 107 -26.66 3.43 -17.24
N GLY A 108 -27.91 3.91 -17.19
CA GLY A 108 -28.94 3.49 -18.12
C GLY A 108 -29.72 2.29 -17.59
N ASP A 109 -30.86 2.03 -18.22
CA ASP A 109 -31.75 0.99 -17.72
C ASP A 109 -31.17 -0.43 -17.95
N GLY A 110 -31.40 -1.29 -16.95
CA GLY A 110 -30.86 -2.65 -16.93
C GLY A 110 -29.37 -2.78 -16.64
N GLN A 111 -28.64 -1.65 -16.56
CA GLN A 111 -27.18 -1.69 -16.44
C GLN A 111 -26.78 -1.86 -14.98
N HIS A 112 -26.31 -3.04 -14.61
CA HIS A 112 -25.77 -3.30 -13.26
C HIS A 112 -24.62 -2.33 -12.96
N ALA A 113 -24.39 -2.00 -11.69
CA ALA A 113 -23.25 -1.18 -11.30
C ALA A 113 -22.48 -1.72 -10.08
N ILE A 114 -21.37 -1.09 -9.77
CA ILE A 114 -20.57 -1.44 -8.61
C ILE A 114 -20.16 -0.14 -7.96
N VAL A 115 -20.50 0.04 -6.69
CA VAL A 115 -20.10 1.22 -5.99
C VAL A 115 -18.78 0.91 -5.28
N TYR A 116 -17.82 1.82 -5.42
CA TYR A 116 -16.48 1.69 -4.80
C TYR A 116 -16.40 2.80 -3.82
N ILE A 117 -16.16 2.46 -2.57
CA ILE A 117 -15.99 3.45 -1.49
C ILE A 117 -14.53 3.36 -1.00
N GLN A 118 -13.85 4.49 -0.95
CA GLN A 118 -12.50 4.56 -0.43
C GLN A 118 -12.44 5.63 0.65
N VAL A 119 -11.86 5.28 1.79
CA VAL A 119 -11.68 6.20 2.90
C VAL A 119 -10.18 6.21 3.27
N THR A 120 -9.58 7.39 3.29
CA THR A 120 -8.17 7.53 3.72
C THR A 120 -8.09 8.34 5.00
N ARG A 121 -6.90 8.42 5.60
CA ARG A 121 -6.73 9.18 6.88
C ARG A 121 -6.67 10.68 6.71
N GLY A 122 -6.61 11.16 5.49
CA GLY A 122 -6.75 12.59 5.23
C GLY A 122 -5.46 13.24 4.82
N VAL A 123 -5.49 14.56 4.89
CA VAL A 123 -4.40 15.39 4.37
C VAL A 123 -3.63 15.97 5.54
N ALA A 124 -2.29 15.94 5.45
CA ALA A 124 -1.42 16.56 6.44
C ALA A 124 0.02 16.62 5.95
N LYS A 125 0.86 17.36 6.63
CA LYS A 125 2.30 17.31 6.42
C LYS A 125 2.73 15.84 6.45
N ARG A 126 3.64 15.46 5.55
CA ARG A 126 4.10 14.07 5.42
C ARG A 126 4.88 13.67 6.66
N GLY A 127 4.37 12.67 7.36
CA GLY A 127 5.06 12.05 8.48
C GLY A 127 4.34 10.73 8.71
N HIS A 128 5.05 9.68 9.09
CA HIS A 128 4.49 8.30 9.07
C HIS A 128 3.34 8.15 10.08
N ALA A 129 3.51 8.67 11.28
CA ALA A 129 2.54 8.46 12.34
C ALA A 129 1.19 9.18 12.06
N PHE A 130 0.14 8.81 12.79
CA PHE A 130 -1.21 9.40 12.55
C PHE A 130 -1.15 10.94 12.80
N PRO A 131 -1.59 11.76 11.83
CA PRO A 131 -1.54 13.22 12.08
C PRO A 131 -2.65 13.63 13.07
N ALA A 132 -2.41 14.62 13.89
CA ALA A 132 -3.42 15.01 14.94
C ALA A 132 -4.74 15.57 14.35
N ASN A 133 -4.65 16.32 13.25
CA ASN A 133 -5.75 17.11 12.75
C ASN A 133 -6.26 16.71 11.37
N ALA A 134 -5.74 15.65 10.78
CA ALA A 134 -6.27 15.24 9.49
C ALA A 134 -7.67 14.74 9.70
N VAL A 135 -8.53 14.96 8.71
CA VAL A 135 -9.90 14.47 8.72
C VAL A 135 -9.99 13.50 7.59
N PRO A 136 -10.72 12.40 7.78
CA PRO A 136 -10.66 11.41 6.74
C PRO A 136 -11.22 11.95 5.38
N THR A 137 -10.63 11.49 4.29
CA THR A 137 -11.09 11.75 2.92
C THR A 137 -11.98 10.60 2.51
N VAL A 138 -13.15 10.90 1.91
CA VAL A 138 -14.06 9.88 1.39
C VAL A 138 -14.22 10.10 -0.11
N PHE A 139 -14.03 9.06 -0.89
CA PHE A 139 -14.27 9.06 -2.34
C PHE A 139 -15.19 7.92 -2.66
N ALA A 140 -16.24 8.16 -3.47
CA ALA A 140 -17.08 7.08 -3.91
C ALA A 140 -17.55 7.22 -5.34
N MET A 141 -17.63 6.10 -6.01
CA MET A 141 -18.07 6.12 -7.41
C MET A 141 -18.88 4.90 -7.70
N ALA A 142 -19.68 5.04 -8.77
CA ALA A 142 -20.63 4.05 -9.21
C ALA A 142 -20.28 3.80 -10.67
N SER A 143 -19.83 2.60 -10.98
CA SER A 143 -19.33 2.26 -12.32
C SER A 143 -20.13 1.14 -12.93
N PRO A 144 -20.27 1.13 -14.27
CA PRO A 144 -20.99 0.05 -14.92
C PRO A 144 -20.33 -1.28 -14.63
N LEU A 145 -21.13 -2.29 -14.32
CA LEU A 145 -20.65 -3.63 -14.05
C LEU A 145 -21.14 -4.62 -15.11
N ALA A 146 -20.20 -5.17 -15.87
CA ALA A 146 -20.45 -6.30 -16.75
C ALA A 146 -20.06 -7.55 -15.99
N LEU A 147 -21.02 -8.42 -15.72
CA LEU A 147 -20.76 -9.68 -15.04
C LEU A 147 -20.10 -10.63 -16.02
N PRO A 148 -19.40 -11.65 -15.51
CA PRO A 148 -18.81 -12.59 -16.46
C PRO A 148 -19.90 -13.14 -17.35
N THR A 149 -19.62 -13.30 -18.65
CA THR A 149 -20.60 -13.84 -19.64
C THR A 149 -21.06 -15.28 -19.39
N ASP A 150 -22.15 -15.67 -20.05
CA ASP A 150 -22.60 -17.07 -20.08
C ASP A 150 -21.53 -18.01 -20.68
N ALA A 151 -20.80 -17.51 -21.68
CA ALA A 151 -19.62 -18.21 -22.24
C ALA A 151 -18.55 -18.49 -21.22
N GLN A 152 -18.15 -17.45 -20.48
CA GLN A 152 -17.04 -17.57 -19.57
C GLN A 152 -17.38 -18.59 -18.49
N ARG A 153 -18.64 -18.58 -18.07
CA ARG A 153 -19.16 -19.56 -17.14
C ARG A 153 -19.20 -20.97 -17.75
N ALA A 154 -19.47 -21.10 -19.04
CA ALA A 154 -19.44 -22.42 -19.67
C ALA A 154 -17.99 -22.93 -19.87
N GLN A 155 -17.11 -22.11 -20.45
CA GLN A 155 -15.69 -22.51 -20.65
C GLN A 155 -14.93 -22.60 -19.30
N GLY A 156 -15.13 -21.62 -18.44
CA GLY A 156 -14.38 -21.56 -17.19
C GLY A 156 -13.22 -20.65 -17.47
N VAL A 157 -12.41 -20.33 -16.46
CA VAL A 157 -11.33 -19.39 -16.65
C VAL A 157 -10.00 -20.05 -16.36
N HIS A 158 -8.94 -19.35 -16.72
CA HIS A 158 -7.59 -19.83 -16.60
C HIS A 158 -6.78 -19.05 -15.53
N CYS A 159 -6.25 -19.77 -14.55
CA CYS A 159 -5.39 -19.15 -13.54
C CYS A 159 -3.96 -19.65 -13.66
N VAL A 160 -3.02 -18.82 -13.23
CA VAL A 160 -1.63 -19.21 -13.00
C VAL A 160 -1.37 -19.12 -11.50
N THR A 161 -0.29 -19.77 -11.05
CA THR A 161 0.18 -19.70 -9.69
C THR A 161 1.46 -18.91 -9.63
N ALA A 162 1.69 -18.31 -8.46
CA ALA A 162 2.94 -17.70 -8.16
C ALA A 162 3.13 -17.63 -6.66
N GLU A 163 4.38 -17.44 -6.21
CA GLU A 163 4.72 -17.12 -4.80
C GLU A 163 4.13 -15.75 -4.31
N ASP A 164 3.48 -15.79 -3.15
CA ASP A 164 2.60 -14.75 -2.64
C ASP A 164 3.26 -13.36 -2.33
N CYS A 170 -2.10 -8.49 5.76
CA CYS A 170 -2.71 -9.79 5.47
C CYS A 170 -4.27 -9.70 5.53
N ASP A 171 -4.84 -9.27 6.65
CA ASP A 171 -6.30 -9.19 6.74
C ASP A 171 -6.83 -7.75 6.92
N ILE A 172 -6.23 -6.76 6.25
CA ILE A 172 -6.85 -5.42 6.10
C ILE A 172 -7.19 -5.20 4.64
N LYS A 173 -8.40 -4.74 4.34
CA LYS A 173 -8.78 -4.33 2.97
C LYS A 173 -8.23 -2.91 2.64
N SER A 174 -6.90 -2.79 2.54
CA SER A 174 -6.30 -1.46 2.45
C SER A 174 -6.11 -1.04 1.00
N VAL A 175 -5.80 0.23 0.79
CA VAL A 175 -5.37 0.66 -0.55
C VAL A 175 -3.82 0.62 -0.75
N SER A 176 -3.10 -0.08 0.11
CA SER A 176 -1.66 -0.36 -0.10
C SER A 176 -1.64 -1.63 -0.94
N LEU A 177 -1.89 -1.49 -2.22
CA LEU A 177 -2.24 -2.64 -3.06
C LEU A 177 -1.17 -2.95 -4.14
N LEU A 178 0.01 -2.42 -3.98
CA LEU A 178 1.05 -2.62 -5.03
C LEU A 178 1.27 -4.13 -5.27
N GLY A 179 1.33 -4.91 -4.20
CA GLY A 179 1.50 -6.36 -4.36
C GLY A 179 0.42 -7.03 -5.18
N ASN A 180 -0.83 -6.65 -4.92
CA ASN A 180 -1.94 -7.10 -5.71
C ASN A 180 -1.85 -6.64 -7.18
N VAL A 181 -1.40 -5.40 -7.39
CA VAL A 181 -1.23 -4.86 -8.75
C VAL A 181 -0.26 -5.72 -9.54
N LEU A 182 0.89 -5.99 -8.94
CA LEU A 182 1.91 -6.82 -9.56
C LEU A 182 1.41 -8.27 -9.92
N MET A 183 0.69 -8.88 -9.00
CA MET A 183 0.07 -10.17 -9.23
C MET A 183 -1.02 -10.16 -10.29
N ALA A 184 -1.80 -9.09 -10.36
CA ALA A 184 -2.80 -8.93 -11.41
C ALA A 184 -2.10 -8.82 -12.76
N GLN A 185 -1.02 -8.07 -12.79
CA GLN A 185 -0.28 -7.88 -14.03
C GLN A 185 0.44 -9.16 -14.49
N HIS A 186 0.88 -9.94 -13.53
CA HIS A 186 1.47 -11.26 -13.80
C HIS A 186 0.45 -12.15 -14.50
N ALA A 187 -0.81 -12.17 -14.03
CA ALA A 187 -1.88 -12.93 -14.67
C ALA A 187 -2.07 -12.42 -16.10
N ALA A 188 -2.21 -11.09 -16.26
CA ALA A 188 -2.39 -10.51 -17.60
C ALA A 188 -1.28 -10.95 -18.56
N GLU A 189 -0.03 -10.89 -18.10
CA GLU A 189 1.13 -11.23 -18.91
C GLU A 189 1.15 -12.73 -19.34
N HIS A 190 0.46 -13.59 -18.61
CA HIS A 190 0.36 -15.02 -18.92
C HIS A 190 -1.02 -15.37 -19.49
N ASP A 191 -1.76 -14.35 -19.94
CA ASP A 191 -3.08 -14.52 -20.54
C ASP A 191 -4.01 -15.33 -19.65
N ALA A 192 -4.13 -14.93 -18.38
CA ALA A 192 -4.92 -15.64 -17.40
C ALA A 192 -5.78 -14.66 -16.63
N ALA A 193 -6.86 -15.13 -16.04
CA ALA A 193 -7.85 -14.24 -15.45
C ALA A 193 -7.43 -13.80 -14.05
N GLU A 194 -6.57 -14.58 -13.42
CA GLU A 194 -6.18 -14.37 -12.04
C GLU A 194 -4.90 -15.13 -11.71
N THR A 195 -4.19 -14.63 -10.73
CA THR A 195 -3.01 -15.30 -10.20
C THR A 195 -3.43 -15.85 -8.84
N ILE A 196 -3.36 -17.19 -8.68
CA ILE A 196 -3.50 -17.84 -7.36
C ILE A 196 -2.14 -17.92 -6.65
N GLN A 197 -2.04 -17.17 -5.56
CA GLN A 197 -0.84 -17.06 -4.77
C GLN A 197 -0.62 -18.19 -3.79
N LEU A 198 0.64 -18.57 -3.65
CA LEU A 198 1.08 -19.61 -2.72
C LEU A 198 2.18 -19.04 -1.80
N ARG A 199 2.06 -19.32 -0.52
CA ARG A 199 3.09 -19.03 0.46
C ARG A 199 3.39 -20.30 1.26
N ASP A 200 4.66 -20.70 1.33
CA ASP A 200 5.04 -21.95 2.02
C ASP A 200 4.37 -23.18 1.39
N GLY A 201 4.07 -23.14 0.10
CA GLY A 201 3.40 -24.24 -0.59
C GLY A 201 1.90 -24.34 -0.35
N ASN A 202 1.30 -23.31 0.22
CA ASN A 202 -0.15 -23.31 0.54
C ASN A 202 -0.88 -22.15 -0.11
N VAL A 203 -2.11 -22.42 -0.53
CA VAL A 203 -2.89 -21.41 -1.21
C VAL A 203 -3.27 -20.27 -0.28
N THR A 204 -3.01 -19.04 -0.72
CA THR A 204 -3.47 -17.85 -0.02
C THR A 204 -4.72 -17.29 -0.68
N GLU A 205 -4.55 -16.46 -1.71
CA GLU A 205 -5.66 -15.79 -2.36
C GLU A 205 -5.29 -15.29 -3.74
N GLY A 206 -6.27 -14.76 -4.45
CA GLY A 206 -6.08 -14.23 -5.77
C GLY A 206 -5.66 -12.80 -5.61
N SER A 207 -5.20 -12.16 -6.68
CA SER A 207 -4.89 -10.72 -6.59
C SER A 207 -6.11 -9.85 -6.24
N SER A 208 -7.29 -10.22 -6.70
CA SER A 208 -8.54 -9.50 -6.39
C SER A 208 -9.72 -10.48 -6.26
N SER A 209 -9.45 -11.71 -5.81
CA SER A 209 -10.52 -12.69 -5.65
C SER A 209 -10.12 -13.72 -4.60
N ASN A 210 -11.11 -14.42 -4.05
CA ASN A 210 -10.85 -15.49 -3.09
C ASN A 210 -10.91 -16.80 -3.85
N VAL A 211 -10.06 -17.74 -3.43
CA VAL A 211 -9.87 -19.00 -4.12
C VAL A 211 -10.46 -20.11 -3.24
N TRP A 212 -11.12 -21.08 -3.87
CA TRP A 212 -11.71 -22.24 -3.19
C TRP A 212 -11.40 -23.49 -4.03
N ILE A 213 -11.30 -24.63 -3.37
CA ILE A 213 -11.27 -25.90 -4.10
C ILE A 213 -12.38 -26.82 -3.61
N VAL A 214 -12.84 -27.71 -4.48
CA VAL A 214 -13.69 -28.83 -4.13
C VAL A 214 -12.91 -30.12 -4.27
N LYS A 215 -13.03 -31.00 -3.28
CA LYS A 215 -12.37 -32.31 -3.32
C LYS A 215 -13.26 -33.32 -2.58
N ASN A 216 -13.77 -34.27 -3.33
CA ASN A 216 -14.74 -35.25 -2.83
C ASN A 216 -15.99 -34.55 -2.34
N GLY A 217 -16.56 -33.69 -3.17
CA GLY A 217 -17.78 -32.98 -2.78
C GLY A 217 -17.70 -32.03 -1.59
N GLU A 218 -16.54 -31.93 -0.93
CA GLU A 218 -16.35 -30.95 0.16
C GLU A 218 -15.75 -29.63 -0.39
N LEU A 219 -16.24 -28.50 0.10
CA LEU A 219 -15.75 -27.16 -0.31
C LEU A 219 -14.70 -26.71 0.70
N ILE A 220 -13.55 -26.25 0.21
CA ILE A 220 -12.41 -25.94 1.10
C ILE A 220 -11.84 -24.57 0.81
N ALA A 221 -11.63 -23.76 1.85
CA ALA A 221 -11.03 -22.45 1.68
C ALA A 221 -9.79 -22.35 2.53
N PRO A 222 -8.84 -21.52 2.09
CA PRO A 222 -7.67 -21.34 2.92
C PRO A 222 -8.04 -20.79 4.30
N PRO A 223 -7.27 -21.14 5.32
CA PRO A 223 -7.53 -20.56 6.64
C PRO A 223 -7.13 -19.11 6.64
N ARG A 224 -7.70 -18.34 7.57
CA ARG A 224 -7.27 -16.97 7.81
C ARG A 224 -6.61 -16.94 9.18
N SER A 225 -6.29 -15.77 9.68
CA SER A 225 -5.52 -15.65 10.91
C SER A 225 -6.23 -16.24 12.18
N ASN A 226 -7.57 -16.28 12.13
CA ASN A 226 -8.40 -16.86 13.20
C ASN A 226 -9.83 -17.04 12.67
N ARG A 227 -10.67 -17.70 13.47
CA ARG A 227 -12.03 -18.07 13.06
C ARG A 227 -12.93 -16.85 12.88
N ILE A 228 -12.66 -15.78 13.60
CA ILE A 228 -13.47 -14.60 13.47
C ILE A 228 -13.34 -14.01 12.06
N LEU A 229 -12.09 -13.85 11.62
CA LEU A 229 -11.84 -13.31 10.30
C LEU A 229 -12.30 -14.25 9.20
N GLU A 230 -12.28 -15.55 9.46
CA GLU A 230 -12.75 -16.50 8.47
C GLU A 230 -14.28 -16.29 8.28
N GLY A 231 -15.02 -16.10 9.37
CA GLY A 231 -16.49 -15.96 9.29
C GLY A 231 -16.91 -14.70 8.55
N ILE A 232 -16.18 -13.61 8.75
CA ILE A 232 -16.45 -12.36 8.05
C ILE A 232 -16.22 -12.59 6.58
N ARG A 233 -15.05 -13.15 6.28
CA ARG A 233 -14.57 -13.31 4.89
C ARG A 233 -15.41 -14.29 4.10
N TYR A 234 -15.76 -15.42 4.73
CA TYR A 234 -16.45 -16.47 3.99
C TYR A 234 -17.98 -16.52 4.13
N ALA A 235 -18.59 -15.53 4.79
CA ALA A 235 -20.01 -15.55 5.21
C ALA A 235 -20.95 -15.89 4.07
N LEU A 236 -20.85 -15.14 2.98
CA LEU A 236 -21.73 -15.38 1.83
C LEU A 236 -21.61 -16.79 1.28
N VAL A 237 -20.39 -17.26 1.04
CA VAL A 237 -20.23 -18.58 0.40
C VAL A 237 -20.63 -19.68 1.40
N GLU A 238 -20.23 -19.48 2.65
CA GLU A 238 -20.67 -20.33 3.75
C GLU A 238 -22.20 -20.45 3.78
N GLU A 239 -22.89 -19.33 3.60
CA GLU A 239 -24.36 -19.34 3.52
C GLU A 239 -24.88 -20.10 2.30
N LEU A 240 -24.30 -19.80 1.14
CA LEU A 240 -24.66 -20.52 -0.08
C LEU A 240 -24.41 -22.02 0.04
N ALA A 241 -23.30 -22.40 0.68
CA ALA A 241 -22.92 -23.81 0.76
C ALA A 241 -23.89 -24.54 1.68
N GLU A 242 -24.29 -23.87 2.75
CA GLU A 242 -25.24 -24.43 3.68
C GLU A 242 -26.60 -24.64 3.01
N GLU A 243 -27.14 -23.61 2.34
CA GLU A 243 -28.35 -23.78 1.55
C GLU A 243 -28.24 -24.92 0.55
N CYS A 244 -27.05 -25.20 0.02
CA CYS A 244 -26.92 -26.30 -0.93
C CYS A 244 -26.68 -27.67 -0.27
N GLY A 245 -26.54 -27.72 1.05
CA GLY A 245 -26.07 -28.94 1.74
C GLY A 245 -24.69 -29.44 1.31
N ILE A 246 -23.74 -28.51 1.16
CA ILE A 246 -22.36 -28.81 0.79
C ILE A 246 -21.48 -28.51 1.99
N ARG A 247 -20.72 -29.50 2.45
CA ARG A 247 -19.89 -29.32 3.62
C ARG A 247 -18.77 -28.32 3.23
N PHE A 248 -18.51 -27.40 4.14
CA PHE A 248 -17.43 -26.44 3.95
C PHE A 248 -16.42 -26.57 5.09
N VAL A 249 -15.15 -26.50 4.77
CA VAL A 249 -14.10 -26.41 5.79
C VAL A 249 -13.04 -25.38 5.40
N ALA A 250 -12.45 -24.73 6.41
CA ALA A 250 -11.39 -23.76 6.22
C ALA A 250 -10.16 -24.53 6.61
N ARG A 251 -9.29 -24.78 5.64
CA ARG A 251 -8.19 -25.70 5.85
C ARG A 251 -7.11 -25.45 4.81
N GLU A 252 -5.83 -25.63 5.17
CA GLU A 252 -4.74 -25.39 4.18
C GLU A 252 -4.91 -26.18 2.91
N ILE A 253 -4.61 -25.53 1.79
CA ILE A 253 -4.56 -26.22 0.52
C ILE A 253 -3.10 -26.13 0.04
N ASN A 254 -2.41 -27.27 0.00
CA ASN A 254 -1.04 -27.25 -0.44
C ASN A 254 -1.03 -27.27 -1.96
N GLU A 255 0.10 -27.00 -2.57
CA GLU A 255 0.17 -26.90 -4.03
C GLU A 255 -0.34 -28.19 -4.75
N ALA A 256 0.00 -29.37 -4.24
CA ALA A 256 -0.44 -30.65 -4.84
C ALA A 256 -1.94 -30.85 -4.68
N GLU A 257 -2.47 -30.49 -3.51
CA GLU A 257 -3.92 -30.48 -3.33
C GLU A 257 -4.59 -29.52 -4.34
N LEU A 258 -4.02 -28.34 -4.57
CA LEU A 258 -4.58 -27.43 -5.57
C LEU A 258 -4.57 -28.06 -6.96
N ARG A 259 -3.44 -28.59 -7.39
CA ARG A 259 -3.37 -29.23 -8.71
C ARG A 259 -4.22 -30.51 -8.87
N ALA A 260 -4.50 -31.21 -7.78
CA ALA A 260 -5.34 -32.42 -7.84
C ALA A 260 -6.84 -32.18 -7.59
N ALA A 261 -7.24 -30.93 -7.37
CA ALA A 261 -8.62 -30.62 -7.02
C ALA A 261 -9.63 -31.11 -8.07
N ASP A 262 -10.79 -31.52 -7.60
CA ASP A 262 -11.94 -31.79 -8.47
C ASP A 262 -12.49 -30.54 -9.11
N GLU A 263 -12.60 -29.45 -8.33
CA GLU A 263 -12.94 -28.13 -8.87
C GLU A 263 -12.08 -27.05 -8.19
N ILE A 264 -11.80 -25.95 -8.89
CA ILE A 264 -11.15 -24.77 -8.30
C ILE A 264 -12.12 -23.61 -8.58
N LEU A 265 -12.33 -22.68 -7.64
CA LEU A 265 -13.35 -21.60 -7.81
C LEU A 265 -12.79 -20.25 -7.42
N LEU A 266 -13.24 -19.18 -8.08
CA LEU A 266 -12.99 -17.81 -7.64
C LEU A 266 -14.27 -17.12 -7.26
N THR A 267 -14.20 -16.27 -6.27
CA THR A 267 -15.30 -15.37 -5.94
C THR A 267 -14.82 -13.98 -5.68
N SER A 268 -15.65 -13.02 -6.05
CA SER A 268 -15.44 -11.60 -5.71
C SER A 268 -16.76 -10.89 -6.01
N ALA A 269 -16.83 -9.62 -5.67
CA ALA A 269 -18.01 -8.82 -5.92
C ALA A 269 -18.31 -8.70 -7.42
N THR A 270 -17.28 -8.62 -8.26
CA THR A 270 -17.45 -8.42 -9.71
C THR A 270 -17.64 -9.71 -10.48
N LYS A 271 -17.13 -10.80 -9.93
CA LYS A 271 -17.13 -12.09 -10.59
C LYS A 271 -18.30 -12.94 -10.11
N GLU A 272 -18.88 -12.59 -8.99
CA GLU A 272 -19.77 -13.48 -8.26
C GLU A 272 -19.04 -14.80 -7.97
N ILE A 273 -19.30 -15.88 -8.70
CA ILE A 273 -18.49 -17.11 -8.60
C ILE A 273 -18.17 -17.52 -9.99
N LEU A 274 -16.92 -17.96 -10.20
CA LEU A 274 -16.45 -18.49 -11.46
C LEU A 274 -15.75 -19.81 -11.27
N PRO A 275 -15.92 -20.72 -12.24
CA PRO A 275 -15.14 -21.95 -12.24
C PRO A 275 -13.78 -21.75 -12.95
N VAL A 276 -12.71 -22.16 -12.27
CA VAL A 276 -11.40 -22.23 -12.86
C VAL A 276 -11.24 -23.61 -13.53
N THR A 277 -11.16 -23.66 -14.85
CA THR A 277 -11.03 -24.95 -15.56
C THR A 277 -9.65 -25.19 -16.18
N ARG A 278 -8.72 -24.26 -15.97
CA ARG A 278 -7.34 -24.43 -16.43
C ARG A 278 -6.39 -23.77 -15.43
N LEU A 279 -5.21 -24.36 -15.23
CA LEU A 279 -4.25 -23.93 -14.20
C LEU A 279 -2.81 -24.16 -14.63
N ASP A 280 -2.06 -23.06 -14.79
CA ASP A 280 -0.72 -23.11 -15.35
C ASP A 280 -0.71 -23.94 -16.64
N ASP A 281 -1.71 -23.65 -17.46
CA ASP A 281 -1.86 -24.25 -18.76
C ASP A 281 -2.13 -25.73 -18.71
N LEU A 282 -2.75 -26.24 -17.65
CA LEU A 282 -3.16 -27.64 -17.63
C LEU A 282 -4.63 -27.72 -17.21
N PRO A 283 -5.37 -28.72 -17.74
CA PRO A 283 -6.80 -28.73 -17.41
C PRO A 283 -7.03 -29.02 -15.95
N VAL A 284 -8.10 -28.47 -15.38
CA VAL A 284 -8.55 -28.86 -14.05
C VAL A 284 -9.55 -30.00 -14.31
N GLN A 285 -9.22 -31.20 -13.85
CA GLN A 285 -9.98 -32.42 -14.20
C GLN A 285 -10.32 -32.43 -15.68
N GLY A 286 -11.60 -32.53 -16.01
CA GLY A 286 -12.01 -32.62 -17.41
C GLY A 286 -11.90 -31.35 -18.22
N GLY A 287 -11.61 -30.22 -17.58
CA GLY A 287 -11.68 -28.94 -18.28
C GLY A 287 -13.09 -28.37 -18.29
N ARG A 288 -14.00 -29.01 -17.55
CA ARG A 288 -15.41 -28.62 -17.54
C ARG A 288 -15.74 -28.05 -16.16
N PRO A 289 -16.63 -27.04 -16.09
CA PRO A 289 -17.12 -26.60 -14.78
C PRO A 289 -17.86 -27.72 -14.11
N GLY A 290 -17.84 -27.77 -12.78
CA GLY A 290 -18.32 -28.93 -12.03
C GLY A 290 -19.55 -28.66 -11.18
N PRO A 291 -20.11 -29.71 -10.57
CA PRO A 291 -21.44 -29.64 -9.93
C PRO A 291 -21.54 -28.69 -8.73
N VAL A 292 -20.50 -28.60 -7.90
CA VAL A 292 -20.50 -27.65 -6.79
C VAL A 292 -20.50 -26.21 -7.28
N PHE A 293 -19.80 -25.93 -8.36
CA PHE A 293 -19.90 -24.60 -8.98
C PHE A 293 -21.34 -24.31 -9.43
N ASP A 294 -21.95 -25.25 -10.15
CA ASP A 294 -23.34 -25.09 -10.65
C ASP A 294 -24.29 -24.76 -9.52
N ALA A 295 -24.28 -25.56 -8.48
CA ALA A 295 -25.12 -25.33 -7.31
C ALA A 295 -24.89 -23.98 -6.63
N LEU A 296 -23.62 -23.61 -6.44
CA LEU A 296 -23.34 -22.37 -5.71
C LEU A 296 -23.77 -21.17 -6.55
N TYR A 297 -23.55 -21.28 -7.85
CA TYR A 297 -23.91 -20.21 -8.75
C TYR A 297 -25.42 -20.00 -8.75
N ALA A 298 -26.17 -21.09 -8.88
CA ALA A 298 -27.63 -21.06 -8.78
C ALA A 298 -28.09 -20.43 -7.45
N ALA A 299 -27.51 -20.90 -6.35
CA ALA A 299 -27.79 -20.30 -5.05
C ALA A 299 -27.51 -18.79 -5.00
N TYR A 300 -26.39 -18.38 -5.61
CA TYR A 300 -26.02 -16.98 -5.65
C TYR A 300 -27.14 -16.19 -6.34
N GLN A 301 -27.61 -16.73 -7.47
CA GLN A 301 -28.64 -16.07 -8.25
C GLN A 301 -29.98 -15.98 -7.52
N ARG A 302 -30.28 -16.98 -6.68
CA ARG A 302 -31.50 -16.90 -5.83
C ARG A 302 -31.33 -15.90 -4.71
N ALA A 303 -30.10 -15.69 -4.25
CA ALA A 303 -29.83 -14.66 -3.25
C ALA A 303 -30.08 -13.29 -3.88
N LYS A 304 -29.59 -13.07 -5.08
CA LYS A 304 -29.84 -11.84 -5.79
C LYS A 304 -31.35 -11.59 -5.99
N ALA A 305 -32.02 -12.58 -6.58
CA ALA A 305 -33.45 -12.43 -6.94
C ALA A 305 -34.26 -12.06 -5.71
N HIS A 306 -33.99 -12.74 -4.60
CA HIS A 306 -34.65 -12.56 -3.34
C HIS A 306 -34.52 -11.11 -2.84
N GLU A 307 -33.28 -10.62 -2.74
CA GLU A 307 -33.06 -9.22 -2.36
C GLU A 307 -33.67 -8.26 -3.41
N MET A 308 -33.78 -8.67 -4.68
CA MET A 308 -34.53 -7.91 -5.69
C MET A 308 -36.02 -8.32 -5.78
N ILE B 14 6.45 32.21 2.50
CA ILE B 14 5.24 31.75 3.26
C ILE B 14 4.80 30.35 2.80
N GLU B 15 4.02 30.22 1.74
CA GLU B 15 3.49 28.92 1.35
C GLU B 15 4.52 28.07 0.58
N PRO B 16 4.65 26.78 0.92
CA PRO B 16 5.53 25.94 0.13
C PRO B 16 5.08 25.85 -1.32
N ILE B 17 6.05 25.78 -2.22
CA ILE B 17 5.80 25.62 -3.66
C ILE B 17 6.20 24.16 -4.02
N VAL B 18 5.36 23.47 -4.77
CA VAL B 18 5.62 22.05 -5.10
C VAL B 18 5.54 21.88 -6.57
N TYR B 19 6.05 20.76 -7.04
CA TYR B 19 6.04 20.40 -8.41
C TYR B 19 5.05 19.29 -8.59
N LEU B 20 4.26 19.38 -9.67
CA LEU B 20 3.29 18.36 -10.05
C LEU B 20 3.23 18.23 -11.56
N SER B 21 3.32 16.98 -12.02
CA SER B 21 3.15 16.62 -13.43
C SER B 21 2.09 15.56 -13.58
N VAL B 22 0.97 15.91 -14.21
CA VAL B 22 -0.15 14.97 -14.39
C VAL B 22 -0.46 14.99 -15.88
N ALA B 23 -0.58 13.81 -16.47
CA ALA B 23 -0.80 13.67 -17.91
C ALA B 23 0.19 14.53 -18.73
N SER B 24 1.48 14.41 -18.40
CA SER B 24 2.56 15.16 -19.03
C SER B 24 2.51 16.70 -18.91
N ARG B 25 1.50 17.27 -18.26
CA ARG B 25 1.48 18.71 -18.00
C ARG B 25 2.23 19.00 -16.68
N GLU B 26 3.25 19.86 -16.70
CA GLU B 26 3.95 20.13 -15.46
C GLU B 26 3.76 21.56 -14.97
N GLU B 27 3.88 21.72 -13.65
CA GLU B 27 3.76 23.05 -13.01
C GLU B 27 4.42 23.09 -11.64
N LEU B 28 4.96 24.27 -11.29
CA LEU B 28 5.36 24.57 -9.93
C LEU B 28 4.29 25.47 -9.39
N VAL B 29 3.58 25.03 -8.35
CA VAL B 29 2.40 25.77 -7.86
C VAL B 29 2.46 25.81 -6.35
N PRO B 30 1.72 26.75 -5.71
CA PRO B 30 1.62 26.68 -4.26
C PRO B 30 0.92 25.38 -3.80
N LEU B 31 1.38 24.90 -2.65
CA LEU B 31 0.93 23.65 -2.06
C LEU B 31 -0.63 23.54 -2.06
N SER B 32 -1.33 24.62 -1.67
CA SER B 32 -2.79 24.60 -1.60
C SER B 32 -3.46 24.46 -2.93
N GLU B 33 -2.74 24.65 -4.04
CA GLU B 33 -3.33 24.45 -5.37
C GLU B 33 -2.96 23.12 -6.07
N ALA B 34 -2.10 22.32 -5.44
CA ALA B 34 -1.66 21.07 -6.03
C ALA B 34 -2.64 19.92 -5.69
N ARG B 35 -3.34 19.41 -6.69
N ARG B 35 -3.38 19.42 -6.67
CA ARG B 35 -4.27 18.29 -6.47
CA ARG B 35 -4.30 18.30 -6.46
C ARG B 35 -4.13 17.30 -7.60
C ARG B 35 -4.15 17.30 -7.59
N VAL B 36 -4.34 16.01 -7.33
CA VAL B 36 -4.25 14.99 -8.38
C VAL B 36 -5.61 14.37 -8.67
N PRO B 37 -5.85 13.94 -9.93
CA PRO B 37 -7.13 13.31 -10.25
C PRO B 37 -7.39 12.08 -9.38
N VAL B 38 -8.64 11.89 -9.01
CA VAL B 38 -9.01 10.89 -8.01
C VAL B 38 -8.71 9.44 -8.46
N LEU B 39 -8.61 9.21 -9.77
CA LEU B 39 -8.29 7.88 -10.26
C LEU B 39 -6.77 7.64 -10.45
N ASP B 40 -5.93 8.53 -9.99
CA ASP B 40 -4.49 8.28 -9.94
C ASP B 40 -4.18 7.03 -9.15
N ARG B 41 -3.38 6.16 -9.72
CA ARG B 41 -3.16 4.87 -9.16
C ARG B 41 -2.35 4.91 -7.87
N GLY B 42 -1.70 6.03 -7.59
CA GLY B 42 -1.02 6.21 -6.27
C GLY B 42 -2.08 6.31 -5.16
N PHE B 43 -3.22 6.92 -5.46
CA PHE B 43 -4.30 7.10 -4.48
C PHE B 43 -5.19 5.86 -4.39
N ILE B 44 -5.47 5.22 -5.53
CA ILE B 44 -6.38 4.11 -5.60
C ILE B 44 -5.68 2.81 -5.16
N PHE B 45 -4.40 2.67 -5.47
CA PHE B 45 -3.72 1.37 -5.37
C PHE B 45 -2.41 1.43 -4.61
N GLY B 46 -1.96 2.62 -4.17
CA GLY B 46 -0.59 2.72 -3.64
C GLY B 46 0.50 2.29 -4.66
N ASP B 47 0.22 2.52 -5.94
CA ASP B 47 1.04 2.01 -7.06
C ASP B 47 2.00 3.12 -7.50
N GLY B 48 3.10 3.24 -6.77
CA GLY B 48 4.13 4.24 -7.01
C GLY B 48 5.32 4.02 -6.13
N VAL B 49 6.37 4.77 -6.41
CA VAL B 49 7.62 4.71 -5.65
C VAL B 49 8.01 6.11 -5.18
N TYR B 50 8.86 6.22 -4.18
CA TYR B 50 9.35 7.53 -3.73
C TYR B 50 10.84 7.45 -3.50
N GLU B 51 11.45 8.62 -3.42
CA GLU B 51 12.82 8.75 -3.06
C GLU B 51 12.96 10.11 -2.37
N VAL B 52 13.95 10.25 -1.49
CA VAL B 52 14.25 11.51 -0.83
C VAL B 52 15.71 11.98 -1.09
N VAL B 53 15.89 13.28 -1.11
CA VAL B 53 17.22 13.87 -1.23
C VAL B 53 17.40 14.96 -0.17
N PRO B 54 18.39 14.83 0.71
CA PRO B 54 18.59 15.90 1.68
C PRO B 54 19.32 17.04 1.01
N ILE B 55 18.98 18.27 1.41
CA ILE B 55 19.60 19.50 0.90
C ILE B 55 20.16 20.26 2.09
N TYR B 56 21.48 20.23 2.26
CA TYR B 56 22.13 20.88 3.40
C TYR B 56 22.45 22.33 3.02
N ALA B 57 22.15 23.24 3.94
CA ALA B 57 22.36 24.69 3.77
C ALA B 57 23.59 25.17 4.59
N GLU B 58 24.37 26.05 3.94
CA GLU B 58 25.45 26.86 4.58
C GLU B 58 25.20 28.31 4.14
N GLY B 59 24.53 29.07 5.01
CA GLY B 59 23.95 30.35 4.61
C GLY B 59 22.93 30.19 3.49
N ALA B 60 23.21 30.81 2.34
CA ALA B 60 22.36 30.67 1.15
C ALA B 60 22.87 29.57 0.21
N ARG B 61 24.08 29.06 0.48
CA ARG B 61 24.64 27.90 -0.23
C ARG B 61 23.86 26.62 0.16
N ARG B 62 23.20 26.03 -0.83
CA ARG B 62 22.46 24.77 -0.63
C ARG B 62 22.96 23.74 -1.60
N ALA B 63 23.14 22.54 -1.07
CA ALA B 63 23.78 21.47 -1.81
C ALA B 63 23.06 20.18 -1.47
N PRO B 64 22.56 19.46 -2.49
CA PRO B 64 22.03 18.13 -2.27
C PRO B 64 23.12 17.22 -1.83
N PHE B 65 22.77 16.26 -0.98
CA PHE B 65 23.69 15.26 -0.52
C PHE B 65 23.40 13.94 -1.22
N ARG B 66 24.38 13.45 -1.98
CA ARG B 66 24.33 12.11 -2.61
C ARG B 66 23.17 12.02 -3.58
N ILE B 67 22.93 13.09 -4.31
CA ILE B 67 21.82 13.13 -5.24
C ILE B 67 22.00 12.09 -6.33
N ALA B 68 23.23 11.75 -6.73
CA ALA B 68 23.41 10.71 -7.78
C ALA B 68 22.94 9.31 -7.33
N GLN B 69 23.33 8.94 -6.12
CA GLN B 69 22.98 7.65 -5.57
C GLN B 69 21.47 7.58 -5.28
N HIS B 70 20.88 8.66 -4.76
CA HIS B 70 19.42 8.70 -4.51
C HIS B 70 18.66 8.52 -5.82
N LEU B 71 19.07 9.25 -6.85
CA LEU B 71 18.40 9.18 -8.14
C LEU B 71 18.60 7.86 -8.82
N ALA B 72 19.76 7.23 -8.60
CA ALA B 72 19.95 5.90 -9.10
C ALA B 72 19.02 4.89 -8.41
N ARG B 73 18.73 5.08 -7.12
CA ARG B 73 17.82 4.14 -6.47
C ARG B 73 16.40 4.36 -6.98
N LEU B 74 16.03 5.62 -7.21
CA LEU B 74 14.76 5.96 -7.82
C LEU B 74 14.59 5.30 -9.18
N ALA B 75 15.61 5.38 -10.07
CA ALA B 75 15.47 4.72 -11.38
C ALA B 75 15.27 3.19 -11.23
N ARG B 76 16.01 2.59 -10.31
CA ARG B 76 15.85 1.16 -10.01
C ARG B 76 14.44 0.76 -9.48
N SER B 77 13.87 1.59 -8.62
CA SER B 77 12.54 1.31 -8.06
C SER B 77 11.51 1.38 -9.18
N LEU B 78 11.69 2.34 -10.10
CA LEU B 78 10.78 2.53 -11.23
C LEU B 78 10.75 1.31 -12.15
N LYS B 79 11.93 0.87 -12.51
CA LYS B 79 12.10 -0.29 -13.38
C LYS B 79 11.57 -1.55 -12.69
N LYS B 80 11.89 -1.73 -11.42
CA LYS B 80 11.43 -2.92 -10.70
C LYS B 80 9.90 -3.06 -10.73
N ILE B 81 9.14 -1.95 -10.77
CA ILE B 81 7.68 -2.07 -10.93
C ILE B 81 7.10 -1.66 -12.28
N GLY B 82 7.90 -1.58 -13.32
CA GLY B 82 7.36 -1.36 -14.65
C GLY B 82 6.93 0.05 -14.99
N ILE B 83 7.40 1.04 -14.25
CA ILE B 83 6.94 2.39 -14.52
C ILE B 83 8.05 3.10 -15.36
N ALA B 84 7.66 3.59 -16.53
CA ALA B 84 8.55 4.43 -17.38
C ALA B 84 9.13 5.58 -16.58
N ASP B 85 10.46 5.61 -16.44
CA ASP B 85 11.13 6.75 -15.84
C ASP B 85 10.94 8.03 -16.72
N PRO B 86 10.20 9.06 -16.21
CA PRO B 86 9.99 10.23 -17.04
C PRO B 86 11.20 11.17 -17.27
N HIS B 87 12.31 11.00 -16.56
CA HIS B 87 13.46 11.87 -16.77
C HIS B 87 14.72 11.03 -16.77
N ASP B 88 15.74 11.49 -17.51
CA ASP B 88 17.10 11.02 -17.29
C ASP B 88 17.66 11.72 -16.06
N GLU B 89 18.88 11.39 -15.68
CA GLU B 89 19.46 11.96 -14.51
C GLU B 89 19.49 13.50 -14.57
N ALA B 90 19.83 14.09 -15.71
CA ALA B 90 19.95 15.53 -15.76
C ALA B 90 18.60 16.17 -15.55
N GLY B 91 17.55 15.57 -16.09
CA GLY B 91 16.19 16.06 -15.94
C GLY B 91 15.74 16.02 -14.47
N TRP B 92 16.07 14.93 -13.78
CA TRP B 92 15.77 14.83 -12.32
C TRP B 92 16.52 15.87 -11.52
N ARG B 93 17.83 16.06 -11.77
CA ARG B 93 18.56 17.07 -10.99
C ARG B 93 18.00 18.48 -11.22
N ALA B 94 17.62 18.79 -12.48
CA ALA B 94 17.04 20.12 -12.80
C ALA B 94 15.71 20.30 -12.16
N LEU B 95 14.96 19.22 -12.06
CA LEU B 95 13.65 19.32 -11.46
C LEU B 95 13.89 19.64 -9.99
N VAL B 96 14.88 18.98 -9.40
CA VAL B 96 15.19 19.23 -7.98
C VAL B 96 15.72 20.67 -7.81
N ALA B 97 16.62 21.12 -8.70
CA ALA B 97 17.18 22.45 -8.52
C ALA B 97 16.11 23.52 -8.63
N ARG B 98 15.20 23.42 -9.58
CA ARG B 98 14.14 24.42 -9.75
C ARG B 98 13.20 24.41 -8.54
N LEU B 99 12.93 23.21 -8.02
CA LEU B 99 12.01 23.08 -6.91
C LEU B 99 12.65 23.76 -5.68
N VAL B 100 13.93 23.49 -5.44
CA VAL B 100 14.65 24.05 -4.24
C VAL B 100 14.75 25.58 -4.37
N ASP B 101 15.14 26.04 -5.55
CA ASP B 101 15.19 27.49 -5.87
C ASP B 101 13.89 28.18 -5.54
N ALA B 102 12.77 27.56 -5.95
CA ALA B 102 11.45 28.17 -5.81
C ALA B 102 10.99 28.16 -4.36
N ASN B 103 11.66 27.38 -3.50
CA ASN B 103 11.41 27.41 -2.07
C ASN B 103 12.46 28.18 -1.25
N ALA B 104 13.38 28.87 -1.91
CA ALA B 104 14.43 29.62 -1.19
C ALA B 104 13.84 30.49 -0.07
N ALA B 105 12.80 31.24 -0.39
CA ALA B 105 12.15 32.17 0.56
C ALA B 105 11.42 31.42 1.65
N ALA B 106 10.58 30.46 1.26
CA ALA B 106 9.85 29.60 2.19
C ALA B 106 10.77 28.98 3.26
N LEU B 107 11.87 28.38 2.83
CA LEU B 107 12.86 27.76 3.73
C LEU B 107 13.69 28.77 4.52
N GLY B 108 14.24 29.77 3.82
CA GLY B 108 15.15 30.75 4.41
C GLY B 108 16.62 30.34 4.53
N ASP B 109 17.51 31.32 4.67
CA ASP B 109 18.97 31.10 4.89
C ASP B 109 19.31 30.19 6.07
N GLY B 110 20.36 29.36 5.92
CA GLY B 110 20.72 28.38 6.95
C GLY B 110 19.77 27.18 7.16
N GLN B 111 18.66 27.09 6.43
CA GLN B 111 17.67 26.03 6.68
C GLN B 111 17.91 24.79 5.78
N HIS B 112 18.23 23.67 6.41
CA HIS B 112 18.33 22.43 5.68
C HIS B 112 16.98 22.05 5.18
N ALA B 113 16.95 21.31 4.09
CA ALA B 113 15.70 20.85 3.52
C ALA B 113 15.75 19.35 3.17
N ILE B 114 14.56 18.79 2.99
CA ILE B 114 14.47 17.44 2.49
C ILE B 114 13.55 17.50 1.27
N VAL B 115 14.04 16.97 0.17
CA VAL B 115 13.24 16.88 -1.06
C VAL B 115 12.62 15.51 -1.16
N TYR B 116 11.29 15.47 -1.36
CA TYR B 116 10.51 14.24 -1.50
C TYR B 116 10.02 14.14 -2.94
N ILE B 117 10.29 13.01 -3.59
CA ILE B 117 9.88 12.77 -4.99
C ILE B 117 9.02 11.49 -5.05
N GLN B 118 7.85 11.58 -5.69
CA GLN B 118 6.94 10.45 -5.85
C GLN B 118 6.54 10.33 -7.32
N VAL B 119 6.51 9.10 -7.81
CA VAL B 119 6.09 8.78 -9.15
C VAL B 119 5.13 7.64 -9.06
N THR B 120 3.92 7.82 -9.60
CA THR B 120 2.92 6.77 -9.65
C THR B 120 2.69 6.36 -11.10
N ARG B 121 1.99 5.24 -11.28
CA ARG B 121 1.75 4.72 -12.62
C ARG B 121 0.76 5.60 -13.40
N GLY B 122 0.08 6.53 -12.74
CA GLY B 122 -0.79 7.48 -13.43
C GLY B 122 -2.27 7.18 -13.24
N VAL B 123 -3.07 7.78 -14.11
CA VAL B 123 -4.54 7.87 -13.96
C VAL B 123 -5.17 6.98 -15.01
N ALA B 124 -6.13 6.18 -14.60
CA ALA B 124 -6.87 5.32 -15.51
C ALA B 124 -8.11 4.81 -14.81
N LYS B 125 -8.97 4.19 -15.60
CA LYS B 125 -10.06 3.41 -15.04
C LYS B 125 -9.49 2.43 -14.01
N ARG B 126 -10.17 2.28 -12.88
CA ARG B 126 -9.76 1.36 -11.81
C ARG B 126 -9.80 -0.11 -12.28
N GLY B 127 -8.64 -0.77 -12.27
CA GLY B 127 -8.45 -2.18 -12.67
C GLY B 127 -7.02 -2.46 -12.18
N HIS B 128 -6.82 -3.62 -11.58
CA HIS B 128 -5.59 -3.89 -10.84
C HIS B 128 -4.33 -3.93 -11.76
N ALA B 129 -4.48 -4.49 -12.96
CA ALA B 129 -3.33 -4.70 -13.86
C ALA B 129 -2.90 -3.37 -14.47
N PHE B 130 -1.76 -3.35 -15.15
CA PHE B 130 -1.22 -2.09 -15.65
C PHE B 130 -2.16 -1.63 -16.77
N PRO B 131 -2.63 -0.36 -16.73
CA PRO B 131 -3.45 0.18 -17.85
C PRO B 131 -2.64 0.32 -19.15
N ALA B 132 -3.27 0.18 -20.30
CA ALA B 132 -2.53 0.25 -21.58
C ALA B 132 -1.91 1.65 -21.83
N ASN B 133 -2.65 2.72 -21.50
CA ASN B 133 -2.21 4.07 -21.89
C ASN B 133 -2.16 5.10 -20.77
N ALA B 134 -1.71 4.72 -19.58
CA ALA B 134 -1.60 5.71 -18.51
C ALA B 134 -0.24 6.39 -18.54
N VAL B 135 -0.22 7.67 -18.21
CA VAL B 135 1.04 8.42 -18.13
C VAL B 135 1.43 8.63 -16.65
N PRO B 136 2.69 8.36 -16.30
CA PRO B 136 3.00 8.50 -14.86
C PRO B 136 2.79 9.90 -14.28
N THR B 137 2.22 9.97 -13.07
CA THR B 137 2.22 11.19 -12.30
C THR B 137 3.49 11.39 -11.50
N VAL B 138 4.01 12.63 -11.45
CA VAL B 138 5.19 12.96 -10.67
C VAL B 138 4.82 14.10 -9.71
N PHE B 139 5.14 13.90 -8.42
CA PHE B 139 4.96 14.90 -7.36
C PHE B 139 6.30 15.07 -6.67
N ALA B 140 6.71 16.31 -6.42
CA ALA B 140 7.86 16.58 -5.60
C ALA B 140 7.68 17.85 -4.75
N MET B 141 8.32 17.85 -3.58
CA MET B 141 8.24 18.97 -2.65
C MET B 141 9.53 19.13 -1.87
N ALA B 142 9.72 20.31 -1.28
CA ALA B 142 10.94 20.62 -0.56
C ALA B 142 10.55 21.17 0.78
N SER B 143 10.90 20.47 1.85
CA SER B 143 10.42 20.79 3.20
C SER B 143 11.58 21.03 4.12
N PRO B 144 11.34 21.82 5.19
CA PRO B 144 12.41 22.08 6.16
C PRO B 144 12.79 20.81 6.86
N LEU B 145 14.09 20.64 7.04
CA LEU B 145 14.64 19.44 7.67
C LEU B 145 15.33 19.89 8.95
N ALA B 146 14.88 19.33 10.06
CA ALA B 146 15.53 19.51 11.35
C ALA B 146 16.13 18.19 11.75
N LEU B 147 17.44 18.18 11.85
CA LEU B 147 18.17 16.95 12.11
C LEU B 147 18.00 16.61 13.55
N PRO B 148 18.31 15.37 13.92
CA PRO B 148 18.26 15.14 15.36
C PRO B 148 19.21 16.09 16.11
N THR B 149 18.81 16.49 17.31
CA THR B 149 19.57 17.46 18.13
C THR B 149 20.80 16.85 18.80
N ASP B 150 21.71 17.72 19.23
CA ASP B 150 22.89 17.29 20.01
C ASP B 150 22.52 16.45 21.22
N ALA B 151 21.47 16.85 21.94
CA ALA B 151 21.04 16.11 23.12
C ALA B 151 20.58 14.71 22.79
N GLN B 152 19.90 14.58 21.65
CA GLN B 152 19.43 13.28 21.23
C GLN B 152 20.56 12.37 20.94
N ARG B 153 21.58 12.89 20.27
CA ARG B 153 22.77 12.08 20.00
C ARG B 153 23.55 11.80 21.27
N ALA B 154 23.53 12.73 22.22
CA ALA B 154 24.21 12.51 23.48
C ALA B 154 23.47 11.45 24.28
N GLN B 155 22.15 11.56 24.40
CA GLN B 155 21.36 10.61 25.22
C GLN B 155 21.11 9.25 24.49
N GLY B 156 20.95 9.29 23.16
CA GLY B 156 20.46 8.16 22.40
C GLY B 156 18.95 8.19 22.45
N VAL B 157 18.32 7.35 21.61
CA VAL B 157 16.88 7.24 21.54
C VAL B 157 16.38 5.91 22.11
N HIS B 158 15.11 5.90 22.43
CA HIS B 158 14.40 4.71 22.90
C HIS B 158 13.63 4.07 21.73
N CYS B 159 13.83 2.76 21.52
CA CYS B 159 13.05 2.01 20.52
C CYS B 159 12.27 0.93 21.18
N VAL B 160 11.17 0.52 20.55
CA VAL B 160 10.44 -0.65 20.99
C VAL B 160 10.48 -1.67 19.87
N THR B 161 10.14 -2.92 20.20
CA THR B 161 10.04 -3.97 19.22
C THR B 161 8.61 -4.43 18.97
N ALA B 162 8.39 -4.95 17.79
CA ALA B 162 7.14 -5.60 17.46
C ALA B 162 7.29 -6.56 16.30
N GLU B 163 6.30 -7.41 16.14
CA GLU B 163 6.28 -8.28 14.99
C GLU B 163 6.04 -7.50 13.67
N ASP B 164 6.89 -7.75 12.67
CA ASP B 164 6.81 -7.07 11.38
C ASP B 164 5.47 -7.37 10.67
N ASP B 171 11.79 -5.03 -1.36
CA ASP B 171 13.09 -4.35 -1.43
C ASP B 171 12.98 -3.09 -2.29
N ILE B 172 11.86 -2.39 -2.14
CA ILE B 172 11.52 -1.26 -3.03
C ILE B 172 10.91 -0.17 -2.17
N LYS B 173 11.22 1.07 -2.48
CA LYS B 173 10.59 2.18 -1.76
C LYS B 173 9.24 2.51 -2.41
N SER B 174 8.19 1.77 -2.06
CA SER B 174 6.88 1.97 -2.70
C SER B 174 6.10 2.87 -1.79
N VAL B 175 4.98 3.43 -2.28
CA VAL B 175 4.10 4.21 -1.43
C VAL B 175 2.99 3.32 -0.83
N SER B 176 3.08 2.01 -0.99
CA SER B 176 2.11 1.13 -0.31
C SER B 176 2.62 0.94 1.13
N LEU B 177 2.40 1.97 1.95
CA LEU B 177 3.10 2.12 3.25
C LEU B 177 2.27 1.93 4.49
N LEU B 178 1.06 1.41 4.36
CA LEU B 178 0.18 1.30 5.53
C LEU B 178 0.90 0.56 6.67
N GLY B 179 1.65 -0.48 6.29
CA GLY B 179 2.34 -1.26 7.31
C GLY B 179 3.27 -0.40 8.13
N ASN B 180 4.05 0.42 7.45
CA ASN B 180 5.00 1.27 8.08
C ASN B 180 4.27 2.37 8.88
N VAL B 181 3.19 2.91 8.32
CA VAL B 181 2.37 3.93 9.10
C VAL B 181 1.96 3.36 10.47
N LEU B 182 1.40 2.15 10.46
CA LEU B 182 0.99 1.49 11.70
C LEU B 182 2.12 1.26 12.71
N MET B 183 3.30 0.90 12.23
CA MET B 183 4.44 0.70 13.12
C MET B 183 4.98 2.04 13.62
N ALA B 184 4.95 3.08 12.79
CA ALA B 184 5.27 4.41 13.27
C ALA B 184 4.31 4.90 14.35
N GLN B 185 3.01 4.61 14.19
CA GLN B 185 2.03 5.03 15.20
C GLN B 185 2.28 4.26 16.47
N HIS B 186 2.64 2.99 16.33
CA HIS B 186 2.92 2.15 17.49
C HIS B 186 4.06 2.74 18.30
N ALA B 187 5.11 3.17 17.61
CA ALA B 187 6.23 3.79 18.30
C ALA B 187 5.77 5.09 19.03
N ALA B 188 4.98 5.93 18.36
CA ALA B 188 4.47 7.15 19.05
C ALA B 188 3.67 6.83 20.30
N GLU B 189 2.84 5.79 20.24
CA GLU B 189 2.00 5.43 21.37
C GLU B 189 2.82 4.94 22.53
N HIS B 190 4.04 4.47 22.26
CA HIS B 190 4.93 3.96 23.31
C HIS B 190 6.02 4.94 23.68
N ASP B 191 5.88 6.21 23.35
CA ASP B 191 6.90 7.26 23.60
C ASP B 191 8.31 6.87 23.12
N ALA B 192 8.37 6.33 21.88
CA ALA B 192 9.63 5.83 21.32
C ALA B 192 9.82 6.46 19.98
N ALA B 193 11.06 6.55 19.53
CA ALA B 193 11.44 7.20 18.28
C ALA B 193 11.18 6.30 17.08
N GLU B 194 11.06 5.01 17.34
CA GLU B 194 11.03 4.02 16.29
C GLU B 194 10.63 2.65 16.83
N THR B 195 9.98 1.89 15.96
CA THR B 195 9.66 0.49 16.18
C THR B 195 10.64 -0.35 15.32
N ILE B 196 11.38 -1.22 15.99
CA ILE B 196 12.27 -2.18 15.35
C ILE B 196 11.47 -3.47 15.18
N GLN B 197 11.30 -3.88 13.94
CA GLN B 197 10.41 -4.98 13.60
C GLN B 197 11.19 -6.27 13.56
N LEU B 198 10.49 -7.36 13.95
CA LEU B 198 11.02 -8.71 13.95
C LEU B 198 10.07 -9.65 13.17
N ARG B 199 10.62 -10.37 12.23
CA ARG B 199 9.85 -11.35 11.46
C ARG B 199 10.43 -12.72 11.71
N ASP B 200 9.60 -13.60 12.25
CA ASP B 200 10.04 -14.95 12.61
C ASP B 200 11.29 -14.92 13.45
N GLY B 201 11.32 -14.05 14.44
CA GLY B 201 12.42 -13.99 15.42
C GLY B 201 13.63 -13.18 15.01
N ASN B 202 13.65 -12.69 13.76
CA ASN B 202 14.76 -11.97 13.20
C ASN B 202 14.44 -10.51 12.83
N VAL B 203 15.40 -9.64 13.09
CA VAL B 203 15.28 -8.21 12.85
C VAL B 203 15.06 -7.97 11.36
N THR B 204 14.03 -7.19 11.02
CA THR B 204 13.89 -6.63 9.66
C THR B 204 14.35 -5.18 9.55
N GLU B 205 13.51 -4.21 9.85
CA GLU B 205 13.90 -2.83 9.72
C GLU B 205 12.99 -2.00 10.59
N GLY B 206 13.20 -0.68 10.63
CA GLY B 206 12.29 0.22 11.34
C GLY B 206 11.07 0.61 10.50
N SER B 207 10.12 1.32 11.10
CA SER B 207 9.04 1.89 10.30
C SER B 207 9.52 2.87 9.23
N SER B 208 10.53 3.70 9.51
CA SER B 208 11.12 4.60 8.49
C SER B 208 12.64 4.72 8.63
N SER B 209 13.28 3.63 9.04
CA SER B 209 14.76 3.62 9.20
C SER B 209 15.36 2.23 9.06
N ASN B 210 16.65 2.17 8.71
CA ASN B 210 17.39 0.89 8.73
C ASN B 210 18.00 0.66 10.08
N VAL B 211 18.02 -0.61 10.50
CA VAL B 211 18.50 -0.99 11.80
C VAL B 211 19.83 -1.76 11.65
N TRP B 212 20.78 -1.49 12.55
CA TRP B 212 22.07 -2.17 12.58
C TRP B 212 22.40 -2.51 14.02
N ILE B 213 23.22 -3.53 14.26
CA ILE B 213 23.77 -3.71 15.62
C ILE B 213 25.30 -3.79 15.56
N VAL B 214 25.92 -3.51 16.69
CA VAL B 214 27.36 -3.71 16.80
C VAL B 214 27.59 -4.80 17.82
N LYS B 215 28.41 -5.78 17.43
CA LYS B 215 28.80 -6.81 18.40
C LYS B 215 30.29 -7.15 18.23
N ASN B 216 31.03 -6.94 19.32
CA ASN B 216 32.47 -7.23 19.37
C ASN B 216 33.19 -6.45 18.29
N GLY B 217 32.78 -5.19 18.09
CA GLY B 217 33.40 -4.33 17.06
C GLY B 217 32.96 -4.57 15.62
N GLU B 218 32.06 -5.52 15.38
CA GLU B 218 31.58 -5.80 14.04
C GLU B 218 30.20 -5.11 13.81
N LEU B 219 30.04 -4.43 12.70
CA LEU B 219 28.75 -3.86 12.27
C LEU B 219 27.92 -4.95 11.59
N ILE B 220 26.69 -5.15 12.08
CA ILE B 220 25.82 -6.20 11.53
C ILE B 220 24.49 -5.61 11.04
N ALA B 221 24.04 -6.01 9.83
CA ALA B 221 22.70 -5.70 9.34
C ALA B 221 22.00 -6.95 8.90
N PRO B 222 20.67 -6.93 8.84
CA PRO B 222 19.95 -8.07 8.24
C PRO B 222 20.34 -8.27 6.74
N PRO B 223 20.21 -9.50 6.18
CA PRO B 223 20.61 -9.78 4.76
C PRO B 223 19.90 -8.94 3.72
N ARG B 224 20.59 -8.59 2.63
CA ARG B 224 20.05 -7.64 1.63
C ARG B 224 18.74 -8.09 0.98
N ARG B 233 23.82 -0.86 -5.73
CA ARG B 233 23.18 -0.80 -4.42
C ARG B 233 23.40 0.55 -3.73
N TYR B 234 22.34 1.20 -3.24
CA TYR B 234 22.49 2.37 -2.34
C TYR B 234 23.08 1.84 -1.02
N ALA B 235 24.24 2.31 -0.56
CA ALA B 235 24.86 1.69 0.63
C ALA B 235 25.79 2.64 1.37
N LEU B 236 25.23 3.74 1.82
CA LEU B 236 26.03 4.78 2.43
C LEU B 236 26.69 4.27 3.71
N VAL B 237 25.92 3.64 4.57
CA VAL B 237 26.44 3.16 5.83
C VAL B 237 27.58 2.14 5.58
N GLU B 238 27.41 1.20 4.64
CA GLU B 238 28.54 0.28 4.35
C GLU B 238 29.74 1.07 3.85
N GLU B 239 29.52 2.12 3.08
CA GLU B 239 30.65 2.91 2.55
C GLU B 239 31.35 3.63 3.70
N LEU B 240 30.60 4.12 4.67
CA LEU B 240 31.19 4.73 5.85
C LEU B 240 31.92 3.67 6.69
N ALA B 241 31.36 2.46 6.80
CA ALA B 241 32.05 1.43 7.59
C ALA B 241 33.41 1.06 6.92
N GLU B 242 33.39 0.89 5.61
CA GLU B 242 34.59 0.63 4.81
C GLU B 242 35.68 1.73 5.06
N GLU B 243 35.24 2.99 5.13
CA GLU B 243 36.11 4.15 5.33
C GLU B 243 36.76 4.15 6.71
N CYS B 244 35.99 3.79 7.72
CA CYS B 244 36.51 3.64 9.08
C CYS B 244 37.28 2.31 9.32
N GLY B 245 37.25 1.41 8.35
CA GLY B 245 37.86 0.10 8.53
C GLY B 245 37.10 -0.84 9.44
N ILE B 246 35.79 -0.60 9.58
CA ILE B 246 34.94 -1.38 10.47
C ILE B 246 34.41 -2.52 9.62
N ARG B 247 34.53 -3.73 10.13
CA ARG B 247 34.06 -4.90 9.40
C ARG B 247 32.53 -4.94 9.42
N PHE B 248 31.96 -5.25 8.26
CA PHE B 248 30.53 -5.35 8.07
C PHE B 248 30.16 -6.78 7.73
N VAL B 249 29.19 -7.34 8.44
CA VAL B 249 28.58 -8.62 8.07
C VAL B 249 27.07 -8.43 7.87
N ALA B 250 26.56 -9.07 6.82
CA ALA B 250 25.12 -9.15 6.55
C ALA B 250 24.64 -10.55 6.90
N ARG B 251 23.89 -10.67 7.99
CA ARG B 251 23.32 -11.94 8.43
C ARG B 251 22.11 -11.70 9.32
N GLU B 252 21.33 -12.76 9.49
CA GLU B 252 20.15 -12.70 10.39
C GLU B 252 20.57 -12.31 11.80
N ILE B 253 19.80 -11.39 12.41
CA ILE B 253 20.01 -10.96 13.77
C ILE B 253 18.77 -11.34 14.53
N ASN B 254 18.89 -12.32 15.43
CA ASN B 254 17.74 -12.77 16.15
C ASN B 254 17.43 -11.85 17.36
N GLU B 255 16.27 -12.08 18.00
CA GLU B 255 15.82 -11.19 19.06
C GLU B 255 16.84 -11.14 20.20
N ALA B 256 17.43 -12.29 20.56
CA ALA B 256 18.40 -12.32 21.64
C ALA B 256 19.60 -11.50 21.30
N GLU B 257 20.11 -11.65 20.09
CA GLU B 257 21.32 -10.92 19.68
C GLU B 257 21.06 -9.39 19.65
N LEU B 258 19.87 -9.00 19.19
CA LEU B 258 19.44 -7.61 19.26
C LEU B 258 19.52 -7.10 20.71
N ARG B 259 18.89 -7.80 21.64
CA ARG B 259 18.81 -7.33 23.03
C ARG B 259 20.15 -7.36 23.74
N ALA B 260 21.05 -8.23 23.29
CA ALA B 260 22.39 -8.32 23.87
C ALA B 260 23.44 -7.56 23.06
N ALA B 261 23.01 -6.74 22.09
CA ALA B 261 23.98 -5.92 21.33
C ALA B 261 24.84 -4.97 22.17
N ASP B 262 26.04 -4.70 21.66
CA ASP B 262 26.93 -3.70 22.24
C ASP B 262 26.38 -2.35 21.85
N GLU B 263 25.86 -2.23 20.63
CA GLU B 263 25.22 -1.00 20.17
C GLU B 263 24.12 -1.37 19.18
N ILE B 264 23.11 -0.51 19.12
CA ILE B 264 22.01 -0.57 18.16
C ILE B 264 21.94 0.82 17.48
N LEU B 265 21.84 0.83 16.15
CA LEU B 265 21.85 2.06 15.36
C LEU B 265 20.65 2.16 14.43
N LEU B 266 20.13 3.39 14.27
CA LEU B 266 19.19 3.71 13.21
C LEU B 266 19.80 4.63 12.19
N THR B 267 19.51 4.36 10.92
CA THR B 267 19.89 5.26 9.85
C THR B 267 18.76 5.56 8.91
N SER B 268 18.74 6.82 8.46
CA SER B 268 17.87 7.23 7.37
C SER B 268 18.37 8.59 6.87
N ALA B 269 17.74 9.10 5.81
CA ALA B 269 18.16 10.37 5.18
C ALA B 269 17.91 11.48 6.14
N THR B 270 16.86 11.38 6.95
CA THR B 270 16.48 12.43 7.86
C THR B 270 17.10 12.28 9.25
N LYS B 271 17.39 11.05 9.66
CA LYS B 271 18.00 10.81 10.96
C LYS B 271 19.55 10.89 10.92
N GLU B 272 20.13 10.77 9.73
CA GLU B 272 21.58 10.45 9.52
C GLU B 272 21.90 9.12 10.24
N ILE B 273 22.54 9.14 11.42
CA ILE B 273 22.76 7.96 12.25
C ILE B 273 22.41 8.38 13.66
N LEU B 274 21.65 7.55 14.36
CA LEU B 274 21.26 7.79 15.77
C LEU B 274 21.58 6.53 16.58
N PRO B 275 22.07 6.69 17.81
CA PRO B 275 22.28 5.56 18.64
C PRO B 275 21.05 5.21 19.38
N VAL B 276 20.74 3.93 19.44
CA VAL B 276 19.66 3.47 20.25
C VAL B 276 20.19 2.98 21.61
N THR B 277 19.77 3.64 22.70
CA THR B 277 20.30 3.37 24.04
C THR B 277 19.27 2.71 24.98
N ARG B 278 17.97 2.73 24.66
CA ARG B 278 16.99 1.93 25.37
C ARG B 278 16.16 1.16 24.36
N LEU B 279 15.83 -0.07 24.72
CA LEU B 279 15.07 -0.98 23.90
C LEU B 279 14.04 -1.65 24.78
N ASP B 280 12.77 -1.35 24.51
CA ASP B 280 11.66 -1.80 25.29
C ASP B 280 11.91 -1.57 26.78
N ASP B 281 12.27 -0.34 27.17
CA ASP B 281 12.54 0.02 28.59
C ASP B 281 13.82 -0.56 29.25
N LEU B 282 14.53 -1.48 28.61
CA LEU B 282 15.85 -1.90 29.12
C LEU B 282 16.99 -1.16 28.43
N PRO B 283 18.09 -0.88 29.18
CA PRO B 283 19.23 -0.18 28.60
C PRO B 283 19.88 -1.06 27.53
N VAL B 284 20.40 -0.43 26.50
CA VAL B 284 21.24 -1.13 25.54
C VAL B 284 22.64 -1.07 26.11
N GLN B 285 23.20 -2.23 26.44
CA GLN B 285 24.55 -2.30 27.05
C GLN B 285 24.59 -1.32 28.25
N GLY B 286 25.53 -0.39 28.31
CA GLY B 286 25.53 0.59 29.40
C GLY B 286 24.49 1.70 29.32
N GLY B 287 23.71 1.74 28.25
CA GLY B 287 22.72 2.79 28.10
C GLY B 287 23.32 4.10 27.60
N ARG B 288 24.50 4.05 26.98
CA ARG B 288 25.20 5.23 26.47
C ARG B 288 25.62 4.96 25.04
N PRO B 289 25.65 6.00 24.18
CA PRO B 289 26.13 5.73 22.81
C PRO B 289 27.53 5.16 22.80
N GLY B 290 27.80 4.19 21.92
CA GLY B 290 29.11 3.55 21.81
C GLY B 290 30.05 4.11 20.74
N PRO B 291 31.24 3.49 20.60
CA PRO B 291 32.27 4.05 19.71
C PRO B 291 32.06 3.82 18.22
N VAL B 292 31.38 2.76 17.80
CA VAL B 292 31.11 2.59 16.38
C VAL B 292 30.12 3.66 15.93
N PHE B 293 29.13 3.95 16.77
CA PHE B 293 28.27 5.13 16.55
C PHE B 293 29.10 6.41 16.32
N ASP B 294 29.99 6.71 17.27
CA ASP B 294 30.85 7.91 17.14
C ASP B 294 31.62 7.92 15.83
N ALA B 295 32.21 6.79 15.49
CA ALA B 295 33.02 6.71 14.29
C ALA B 295 32.18 6.92 13.01
N LEU B 296 31.06 6.21 12.92
CA LEU B 296 30.18 6.35 11.78
C LEU B 296 29.59 7.77 11.72
N TYR B 297 29.23 8.34 12.87
CA TYR B 297 28.68 9.69 12.83
C TYR B 297 29.69 10.71 12.30
N ALA B 298 30.93 10.69 12.79
CA ALA B 298 31.99 11.55 12.28
C ALA B 298 32.25 11.34 10.80
N ALA B 299 32.35 10.09 10.37
CA ALA B 299 32.51 9.78 8.94
C ALA B 299 31.31 10.33 8.11
N TYR B 300 30.09 10.25 8.66
CA TYR B 300 28.90 10.86 7.98
C TYR B 300 29.11 12.37 7.75
N GLN B 301 29.50 13.09 8.79
CA GLN B 301 29.63 14.54 8.73
C GLN B 301 30.77 15.00 7.83
N ARG B 302 31.87 14.23 7.78
CA ARG B 302 32.95 14.44 6.80
C ARG B 302 32.48 14.22 5.38
N ALA B 303 31.59 13.24 5.17
CA ALA B 303 31.06 13.09 3.81
C ALA B 303 30.18 14.29 3.43
N LYS B 304 29.44 14.83 4.41
CA LYS B 304 28.69 16.05 4.17
C LYS B 304 29.60 17.27 3.94
N ALA B 305 30.69 17.37 4.68
CA ALA B 305 31.65 18.48 4.49
C ALA B 305 32.25 18.41 3.10
N HIS B 306 32.61 17.19 2.71
CA HIS B 306 33.18 16.89 1.40
C HIS B 306 32.29 17.45 0.28
N GLU B 307 30.97 17.25 0.38
CA GLU B 307 30.03 17.69 -0.66
C GLU B 307 29.78 19.21 -0.64
N MET B 308 29.70 19.81 0.56
CA MET B 308 29.78 21.27 0.78
C MET B 308 31.23 21.79 0.87
CA CA C . 26.89 20.94 18.04
#